data_8W68
#
_entry.id   8W68
#
_cell.length_a   74.433
_cell.length_b   54.144
_cell.length_c   77.184
_cell.angle_alpha   90.000
_cell.angle_beta   92.070
_cell.angle_gamma   90.000
#
_symmetry.space_group_name_H-M   'P 1 21 1'
#
loop_
_entity.id
_entity.type
_entity.pdbx_description
1 polymer 'Uncharacterized protein UU089.1'
2 water water
#
_entity_poly.entity_id   1
_entity_poly.type   'polypeptide(L)'
_entity_poly.pdbx_seq_one_letter_code
;MYNYKEVKHMGYGKGYLAMFKNKKVRFKVVNSFPDLKVQFVTSFPDYKVKISNSSSFCEETIKIQVVTSFPDVKLQKVTS
FGDFEAYID
;
_entity_poly.pdbx_strand_id   A,B,C,D,E,F,G,H
#
# COMPACT_ATOMS: atom_id res chain seq x y z
N GLY A 11 9.90 -1.38 -4.66
CA GLY A 11 10.89 -0.36 -4.97
C GLY A 11 11.57 0.15 -3.72
N TYR A 12 11.77 1.46 -3.64
CA TYR A 12 12.27 2.06 -2.41
C TYR A 12 11.32 1.76 -1.25
N GLY A 13 11.85 1.88 -0.03
CA GLY A 13 11.07 1.66 1.16
C GLY A 13 10.85 2.93 1.94
N LYS A 14 10.23 2.78 3.11
CA LYS A 14 9.81 3.92 3.92
C LYS A 14 11.01 4.77 4.35
N GLY A 15 12.11 4.14 4.73
CA GLY A 15 13.23 4.89 5.28
C GLY A 15 14.09 5.64 4.29
N TYR A 16 13.86 5.44 2.99
CA TYR A 16 14.68 6.08 1.97
C TYR A 16 14.71 7.59 2.12
N LEU A 17 13.53 8.22 2.25
CA LEU A 17 13.46 9.68 2.30
C LEU A 17 14.22 10.26 3.48
N ALA A 18 14.45 9.47 4.53
CA ALA A 18 15.22 9.94 5.68
C ALA A 18 16.62 10.40 5.29
N MET A 19 17.15 9.91 4.17
CA MET A 19 18.48 10.35 3.78
C MET A 19 18.52 11.81 3.34
N PHE A 20 17.36 12.44 3.09
CA PHE A 20 17.34 13.78 2.50
C PHE A 20 16.93 14.83 3.54
N LYS A 21 17.22 14.56 4.80
CA LYS A 21 16.97 15.52 5.86
C LYS A 21 17.62 16.84 5.53
N ASN A 22 16.82 17.90 5.55
CA ASN A 22 17.29 19.25 5.24
C ASN A 22 17.88 19.35 3.84
N LYS A 23 17.49 18.47 2.93
CA LYS A 23 17.87 18.53 1.53
C LYS A 23 16.62 18.73 0.67
N LYS A 24 16.83 18.77 -0.63
CA LYS A 24 15.75 18.98 -1.58
C LYS A 24 15.84 17.93 -2.67
N VAL A 25 14.71 17.32 -2.98
CA VAL A 25 14.63 16.30 -4.02
C VAL A 25 13.57 16.71 -5.06
N ARG A 26 13.60 16.01 -6.19
CA ARG A 26 12.63 16.15 -7.26
C ARG A 26 11.66 14.98 -7.23
N PHE A 27 10.36 15.26 -7.18
CA PHE A 27 9.32 14.25 -7.27
C PHE A 27 8.79 14.24 -8.70
N LYS A 28 8.97 13.13 -9.39
CA LYS A 28 8.42 12.95 -10.73
C LYS A 28 7.15 12.12 -10.64
N VAL A 29 6.02 12.72 -11.02
CA VAL A 29 4.76 12.00 -10.97
C VAL A 29 4.72 10.99 -12.12
N VAL A 30 4.39 9.75 -11.78
CA VAL A 30 4.25 8.67 -12.76
C VAL A 30 3.00 7.88 -12.41
N ASN A 31 2.57 7.07 -13.37
CA ASN A 31 1.43 6.21 -13.16
C ASN A 31 1.80 4.74 -13.16
N SER A 32 2.98 4.39 -13.63
CA SER A 32 3.49 3.04 -13.57
C SER A 32 4.92 3.06 -13.03
N PHE A 33 5.39 1.88 -12.63
CA PHE A 33 6.74 1.68 -12.08
C PHE A 33 7.29 2.86 -11.29
N PRO A 34 6.71 3.18 -10.14
CA PRO A 34 7.25 4.26 -9.31
C PRO A 34 8.30 3.75 -8.35
N ASP A 35 9.19 4.68 -7.96
CA ASP A 35 10.07 4.41 -6.84
C ASP A 35 9.30 4.38 -5.51
N LEU A 36 8.28 5.24 -5.35
CA LEU A 36 7.50 5.29 -4.13
C LEU A 36 6.03 5.53 -4.44
N LYS A 37 5.15 4.73 -3.86
CA LYS A 37 3.74 5.06 -3.83
C LYS A 37 3.52 6.00 -2.66
N VAL A 38 3.02 7.20 -2.94
CA VAL A 38 2.91 8.29 -1.99
C VAL A 38 1.44 8.63 -1.80
N GLN A 39 1.01 8.68 -0.55
CA GLN A 39 -0.29 9.24 -0.19
C GLN A 39 -0.06 10.54 0.57
N PHE A 40 -0.76 11.60 0.15
CA PHE A 40 -0.69 12.88 0.83
C PHE A 40 -1.78 12.97 1.88
N VAL A 41 -1.40 13.35 3.10
CA VAL A 41 -2.29 13.32 4.25
C VAL A 41 -2.20 14.68 4.92
N THR A 42 -3.20 14.95 5.76
CA THR A 42 -3.23 16.17 6.56
C THR A 42 -2.89 15.92 8.01
N SER A 43 -2.73 14.66 8.41
CA SER A 43 -2.38 14.32 9.78
C SER A 43 -1.60 13.02 9.77
N PHE A 44 -0.77 12.85 10.80
CA PHE A 44 -0.03 11.62 11.04
C PHE A 44 0.70 11.11 9.80
N PRO A 45 1.65 11.87 9.28
CA PRO A 45 2.44 11.42 8.13
C PRO A 45 3.64 10.62 8.61
N ASP A 46 4.29 9.96 7.66
CA ASP A 46 5.62 9.42 7.92
C ASP A 46 6.69 10.50 7.83
N TYR A 47 6.48 11.50 6.97
CA TYR A 47 7.35 12.65 6.84
C TYR A 47 6.52 13.89 6.53
N LYS A 48 7.05 15.03 6.96
CA LYS A 48 6.54 16.34 6.58
C LYS A 48 7.40 16.84 5.42
N VAL A 49 6.75 17.32 4.37
CA VAL A 49 7.46 17.75 3.17
C VAL A 49 7.07 19.19 2.88
N LYS A 50 8.06 20.03 2.61
CA LYS A 50 7.80 21.36 2.11
C LYS A 50 7.90 21.31 0.59
N ILE A 51 6.83 21.74 -0.08
CA ILE A 51 6.80 21.73 -1.54
C ILE A 51 7.47 22.98 -2.04
N SER A 52 8.31 22.84 -3.05
CA SER A 52 9.08 23.97 -3.56
C SER A 52 8.60 24.37 -4.94
N ASN A 53 8.74 25.66 -5.24
CA ASN A 53 8.40 26.23 -6.53
C ASN A 53 9.60 26.34 -7.46
N SER A 54 10.78 25.91 -7.01
CA SER A 54 12.00 25.94 -7.80
C SER A 54 12.51 24.52 -8.00
N SER A 55 12.98 24.24 -9.23
CA SER A 55 13.60 22.96 -9.56
C SER A 55 15.08 22.94 -9.21
N SER A 56 15.58 24.04 -8.64
CA SER A 56 16.99 24.20 -8.32
C SER A 56 17.39 23.35 -7.13
N PHE A 57 18.67 22.94 -7.12
CA PHE A 57 19.31 22.30 -5.98
C PHE A 57 18.71 20.95 -5.61
N CYS A 58 18.07 20.27 -6.56
CA CYS A 58 17.47 18.96 -6.29
C CYS A 58 18.57 17.91 -6.26
N GLU A 59 18.64 17.16 -5.16
CA GLU A 59 19.71 16.19 -4.97
C GLU A 59 19.57 15.01 -5.91
N GLU A 60 18.33 14.65 -6.24
CA GLU A 60 18.04 13.37 -6.86
C GLU A 60 16.60 13.40 -7.35
N THR A 61 16.29 12.55 -8.32
CA THR A 61 14.95 12.45 -8.88
C THR A 61 14.32 11.14 -8.42
N ILE A 62 13.16 11.25 -7.77
CA ILE A 62 12.42 10.10 -7.25
C ILE A 62 11.05 10.07 -7.94
N LYS A 63 10.72 8.93 -8.52
CA LYS A 63 9.43 8.74 -9.20
C LYS A 63 8.38 8.33 -8.18
N ILE A 64 7.33 9.12 -8.08
CA ILE A 64 6.25 8.84 -7.13
C ILE A 64 4.95 8.62 -7.90
N GLN A 65 4.14 7.72 -7.35
CA GLN A 65 2.80 7.47 -7.83
C GLN A 65 1.86 7.88 -6.71
N VAL A 66 0.96 8.83 -6.97
CA VAL A 66 0.03 9.27 -5.94
C VAL A 66 -1.05 8.22 -5.79
N VAL A 67 -1.26 7.75 -4.56
CA VAL A 67 -2.26 6.72 -4.31
C VAL A 67 -3.14 7.18 -3.17
N THR A 68 -4.26 6.48 -2.99
CA THR A 68 -5.17 6.76 -1.90
C THR A 68 -5.32 5.60 -0.93
N SER A 69 -4.68 4.46 -1.23
CA SER A 69 -4.66 3.29 -0.37
C SER A 69 -3.29 2.65 -0.47
N PHE A 70 -2.84 2.05 0.63
CA PHE A 70 -1.60 1.28 0.67
C PHE A 70 -0.39 2.00 0.06
N PRO A 71 -0.03 3.16 0.59
CA PRO A 71 1.16 3.86 0.10
C PRO A 71 2.42 3.27 0.71
N ASP A 72 3.55 3.57 0.06
CA ASP A 72 4.83 3.29 0.70
C ASP A 72 5.12 4.27 1.82
N VAL A 73 4.68 5.53 1.67
CA VAL A 73 4.91 6.57 2.66
C VAL A 73 3.74 7.53 2.64
N LYS A 74 3.40 8.06 3.81
CA LYS A 74 2.42 9.13 3.92
C LYS A 74 3.19 10.42 4.12
N LEU A 75 2.92 11.40 3.27
CA LEU A 75 3.55 12.70 3.35
C LEU A 75 2.51 13.75 3.71
N GLN A 76 2.90 14.71 4.53
CA GLN A 76 2.06 15.84 4.86
C GLN A 76 2.75 17.09 4.34
N LYS A 77 2.08 17.78 3.42
CA LYS A 77 2.59 19.04 2.92
C LYS A 77 2.54 20.06 4.05
N VAL A 78 3.64 20.77 4.25
CA VAL A 78 3.73 21.81 5.26
C VAL A 78 4.42 22.99 4.60
N THR A 79 4.21 24.17 5.16
CA THR A 79 4.89 25.34 4.59
C THR A 79 6.16 25.66 5.34
N SER A 80 6.23 25.29 6.62
CA SER A 80 7.42 25.49 7.43
C SER A 80 7.76 24.22 8.19
N PHE A 81 8.99 24.19 8.70
CA PHE A 81 9.53 23.06 9.45
C PHE A 81 9.18 21.75 8.77
N GLY A 82 9.85 21.45 7.67
CA GLY A 82 9.63 20.19 6.98
C GLY A 82 10.82 19.26 7.12
N ASP A 83 10.60 17.96 6.96
CA ASP A 83 11.73 17.01 7.03
C ASP A 83 12.68 17.16 5.85
N PHE A 84 12.13 17.48 4.68
CA PHE A 84 12.88 17.73 3.46
C PHE A 84 11.99 18.56 2.54
N GLU A 85 12.60 19.09 1.48
CA GLU A 85 11.91 19.83 0.44
C GLU A 85 11.80 18.98 -0.82
N ALA A 86 10.76 19.25 -1.61
CA ALA A 86 10.50 18.54 -2.86
C ALA A 86 9.98 19.49 -3.90
N TYR A 87 10.56 19.42 -5.11
CA TYR A 87 9.99 20.07 -6.28
C TYR A 87 9.24 19.02 -7.07
N ILE A 88 7.95 19.25 -7.29
CA ILE A 88 7.12 18.29 -8.00
C ILE A 88 7.07 18.65 -9.49
N ASP A 89 7.36 17.70 -10.36
CA ASP A 89 7.09 17.86 -11.77
C ASP A 89 6.28 16.65 -12.23
N TYR B 12 4.98 27.20 -8.55
CA TYR B 12 4.55 25.82 -8.68
C TYR B 12 4.30 25.44 -10.12
N GLY B 13 4.39 24.14 -10.36
CA GLY B 13 4.22 23.60 -11.68
C GLY B 13 3.00 22.72 -11.87
N LYS B 14 2.99 22.05 -13.02
CA LYS B 14 1.88 21.20 -13.41
C LYS B 14 1.59 20.13 -12.36
N GLY B 15 2.63 19.57 -11.75
CA GLY B 15 2.44 18.44 -10.86
C GLY B 15 1.87 18.75 -9.49
N TYR B 16 1.78 20.02 -9.11
CA TYR B 16 1.27 20.36 -7.78
C TYR B 16 -0.11 19.76 -7.54
N LEU B 17 -1.03 19.97 -8.49
CA LEU B 17 -2.40 19.49 -8.36
C LEU B 17 -2.48 17.97 -8.30
N ALA B 18 -1.44 17.27 -8.75
CA ALA B 18 -1.43 15.81 -8.62
C ALA B 18 -1.54 15.38 -7.17
N MET B 19 -1.14 16.24 -6.22
CA MET B 19 -1.29 15.84 -4.81
C MET B 19 -2.75 15.74 -4.40
N PHE B 20 -3.69 16.26 -5.19
CA PHE B 20 -5.08 16.31 -4.78
C PHE B 20 -5.97 15.36 -5.56
N LYS B 21 -5.39 14.26 -6.04
CA LYS B 21 -6.15 13.22 -6.72
C LYS B 21 -7.32 12.75 -5.86
N ASN B 22 -8.53 12.79 -6.42
CA ASN B 22 -9.74 12.37 -5.72
C ASN B 22 -10.01 13.19 -4.46
N LYS B 23 -9.50 14.41 -4.41
CA LYS B 23 -9.82 15.33 -3.32
C LYS B 23 -10.53 16.55 -3.88
N LYS B 24 -10.83 17.50 -3.00
CA LYS B 24 -11.53 18.71 -3.38
C LYS B 24 -10.75 19.89 -2.84
N VAL B 25 -10.51 20.87 -3.69
CA VAL B 25 -9.78 22.07 -3.30
C VAL B 25 -10.66 23.28 -3.55
N ARG B 26 -10.24 24.39 -2.96
CA ARG B 26 -10.83 25.70 -3.17
C ARG B 26 -9.87 26.50 -4.05
N PHE B 27 -10.38 27.01 -5.15
CA PHE B 27 -9.66 27.90 -6.04
C PHE B 27 -10.05 29.32 -5.71
N LYS B 28 -9.08 30.12 -5.28
CA LYS B 28 -9.30 31.54 -5.06
C LYS B 28 -8.77 32.30 -6.26
N VAL B 29 -9.67 32.97 -6.99
CA VAL B 29 -9.23 33.70 -8.17
C VAL B 29 -8.50 34.95 -7.70
N VAL B 30 -7.29 35.14 -8.21
CA VAL B 30 -6.49 36.30 -7.86
C VAL B 30 -5.92 36.91 -9.13
N ASN B 31 -5.43 38.14 -8.98
CA ASN B 31 -4.78 38.86 -10.05
C ASN B 31 -3.31 39.08 -9.75
N SER B 32 -2.88 38.86 -8.51
CA SER B 32 -1.49 38.95 -8.12
C SER B 32 -1.10 37.69 -7.34
N PHE B 33 0.20 37.49 -7.23
CA PHE B 33 0.87 36.40 -6.53
C PHE B 33 0.10 35.10 -6.61
N PRO B 34 -0.01 34.44 -7.76
CA PRO B 34 -0.77 33.19 -7.78
C PRO B 34 0.12 31.98 -7.51
N ASP B 35 -0.50 30.98 -6.89
CA ASP B 35 0.18 29.69 -6.75
C ASP B 35 0.28 29.01 -8.11
N LEU B 36 -0.75 29.15 -8.92
CA LEU B 36 -0.80 28.57 -10.25
C LEU B 36 -1.50 29.55 -11.18
N LYS B 37 -0.90 29.79 -12.35
CA LYS B 37 -1.60 30.40 -13.46
C LYS B 37 -2.30 29.31 -14.24
N VAL B 38 -3.62 29.42 -14.36
CA VAL B 38 -4.46 28.35 -14.89
C VAL B 38 -5.12 28.83 -16.18
N GLN B 39 -5.01 28.01 -17.23
CA GLN B 39 -5.77 28.18 -18.46
C GLN B 39 -6.80 27.06 -18.54
N PHE B 40 -8.05 27.44 -18.76
CA PHE B 40 -9.12 26.47 -18.91
C PHE B 40 -9.29 26.13 -20.39
N VAL B 41 -9.32 24.84 -20.70
CA VAL B 41 -9.33 24.38 -22.07
C VAL B 41 -10.42 23.33 -22.23
N THR B 42 -10.79 23.08 -23.47
CA THR B 42 -11.73 22.04 -23.82
C THR B 42 -11.05 20.87 -24.50
N SER B 43 -9.74 20.93 -24.71
CA SER B 43 -9.04 19.81 -25.30
C SER B 43 -7.65 19.75 -24.71
N PHE B 44 -7.11 18.53 -24.64
CA PHE B 44 -5.75 18.28 -24.20
C PHE B 44 -5.40 19.04 -22.92
N PRO B 45 -6.07 18.76 -21.82
CA PRO B 45 -5.74 19.41 -20.56
C PRO B 45 -4.63 18.64 -19.85
N ASP B 46 -4.05 19.30 -18.84
CA ASP B 46 -3.17 18.60 -17.91
C ASP B 46 -3.96 17.85 -16.85
N TYR B 47 -5.12 18.38 -16.45
CA TYR B 47 -6.02 17.69 -15.53
C TYR B 47 -7.46 17.97 -15.92
N LYS B 48 -8.33 17.02 -15.63
CA LYS B 48 -9.77 17.22 -15.69
C LYS B 48 -10.25 17.57 -14.29
N VAL B 49 -11.02 18.65 -14.18
CA VAL B 49 -11.49 19.13 -12.89
C VAL B 49 -13.02 19.19 -12.92
N LYS B 50 -13.65 18.66 -11.87
CA LYS B 50 -15.08 18.81 -11.69
C LYS B 50 -15.33 20.02 -10.80
N ILE B 51 -16.15 20.93 -11.26
CA ILE B 51 -16.47 22.12 -10.50
C ILE B 51 -17.61 21.80 -9.55
N SER B 52 -17.48 22.27 -8.32
CA SER B 52 -18.48 22.05 -7.30
C SER B 52 -19.15 23.37 -6.96
N ASN B 53 -20.39 23.30 -6.52
CA ASN B 53 -21.15 24.46 -6.12
C ASN B 53 -21.12 24.73 -4.62
N SER B 54 -20.38 23.92 -3.84
CA SER B 54 -20.26 24.09 -2.39
C SER B 54 -18.82 24.40 -2.03
N SER B 55 -18.64 25.33 -1.07
CA SER B 55 -17.31 25.66 -0.56
C SER B 55 -16.90 24.73 0.58
N SER B 56 -17.78 23.85 1.01
CA SER B 56 -17.51 22.93 2.11
C SER B 56 -16.61 21.80 1.63
N PHE B 57 -15.91 21.20 2.59
CA PHE B 57 -15.13 19.98 2.41
C PHE B 57 -13.88 20.20 1.57
N CYS B 58 -13.41 21.44 1.49
CA CYS B 58 -12.22 21.77 0.71
C CYS B 58 -10.96 21.44 1.50
N GLU B 59 -10.07 20.67 0.88
CA GLU B 59 -8.84 20.26 1.54
C GLU B 59 -7.92 21.43 1.78
N GLU B 60 -7.94 22.41 0.88
CA GLU B 60 -6.93 23.46 0.84
C GLU B 60 -7.40 24.54 -0.13
N THR B 61 -6.87 25.74 0.06
CA THR B 61 -7.14 26.87 -0.82
C THR B 61 -5.89 27.18 -1.63
N ILE B 62 -6.05 27.20 -2.96
CA ILE B 62 -4.96 27.47 -3.89
C ILE B 62 -5.31 28.76 -4.63
N LYS B 63 -4.35 29.68 -4.65
CA LYS B 63 -4.54 30.95 -5.34
C LYS B 63 -4.24 30.75 -6.82
N ILE B 64 -5.24 30.96 -7.67
CA ILE B 64 -5.08 30.77 -9.11
C ILE B 64 -5.29 32.09 -9.82
N GLN B 65 -4.59 32.24 -10.93
CA GLN B 65 -4.72 33.36 -11.85
C GLN B 65 -5.13 32.79 -13.20
N VAL B 66 -6.30 33.21 -13.68
CA VAL B 66 -6.78 32.70 -14.96
C VAL B 66 -6.04 33.43 -16.09
N VAL B 67 -5.41 32.67 -16.97
CA VAL B 67 -4.61 33.21 -18.06
C VAL B 67 -4.99 32.52 -19.37
N THR B 68 -4.53 33.11 -20.48
CA THR B 68 -4.67 32.51 -21.80
C THR B 68 -3.34 32.21 -22.48
N SER B 69 -2.21 32.59 -21.89
CA SER B 69 -0.90 32.31 -22.47
C SER B 69 0.09 31.99 -21.35
N PHE B 70 1.03 31.09 -21.64
CA PHE B 70 2.03 30.66 -20.68
C PHE B 70 1.39 30.24 -19.36
N PRO B 71 0.52 29.25 -19.37
CA PRO B 71 -0.08 28.79 -18.11
C PRO B 71 0.85 27.86 -17.36
N ASP B 72 0.64 27.78 -16.05
CA ASP B 72 1.30 26.73 -15.28
C ASP B 72 0.62 25.39 -15.53
N VAL B 73 -0.70 25.38 -15.71
CA VAL B 73 -1.45 24.15 -15.88
C VAL B 73 -2.68 24.46 -16.73
N LYS B 74 -3.07 23.47 -17.56
CA LYS B 74 -4.30 23.55 -18.32
C LYS B 74 -5.35 22.65 -17.67
N LEU B 75 -6.50 23.22 -17.36
CA LEU B 75 -7.61 22.49 -16.76
C LEU B 75 -8.77 22.41 -17.73
N GLN B 76 -9.47 21.28 -17.71
CA GLN B 76 -10.69 21.06 -18.47
C GLN B 76 -11.85 20.83 -17.50
N LYS B 77 -12.89 21.64 -17.62
CA LYS B 77 -14.09 21.43 -16.83
C LYS B 77 -14.75 20.13 -17.23
N VAL B 78 -15.13 19.32 -16.23
CA VAL B 78 -15.90 18.11 -16.49
C VAL B 78 -17.00 18.06 -15.45
N THR B 79 -18.06 17.37 -15.79
CA THR B 79 -19.18 17.13 -14.90
C THR B 79 -19.14 15.74 -14.27
N SER B 80 -18.25 14.87 -14.75
CA SER B 80 -18.22 13.49 -14.26
C SER B 80 -16.88 13.06 -13.68
N PHE B 81 -16.12 12.28 -14.41
CA PHE B 81 -14.91 11.65 -13.89
C PHE B 81 -13.71 12.57 -14.02
N GLY B 82 -13.53 13.43 -13.03
CA GLY B 82 -12.43 14.36 -13.00
C GLY B 82 -11.34 13.91 -12.03
N ASP B 83 -10.14 14.44 -12.25
CA ASP B 83 -9.02 14.10 -11.38
C ASP B 83 -9.23 14.62 -9.96
N PHE B 84 -9.88 15.78 -9.83
CA PHE B 84 -10.20 16.36 -8.52
C PHE B 84 -11.36 17.32 -8.71
N GLU B 85 -11.95 17.73 -7.59
CA GLU B 85 -12.98 18.77 -7.60
C GLU B 85 -12.43 20.08 -7.10
N ALA B 86 -13.04 21.17 -7.56
CA ALA B 86 -12.65 22.52 -7.18
C ALA B 86 -13.89 23.36 -6.98
N TYR B 87 -13.94 24.09 -5.87
CA TYR B 87 -14.91 25.16 -5.70
C TYR B 87 -14.20 26.47 -6.02
N ILE B 88 -14.69 27.20 -7.00
CA ILE B 88 -14.08 28.45 -7.43
C ILE B 88 -14.79 29.63 -6.78
N ASP B 89 -14.02 30.54 -6.19
CA ASP B 89 -14.58 31.80 -5.72
C ASP B 89 -13.81 32.95 -6.36
N TYR C 12 29.49 2.75 18.53
CA TYR C 12 30.35 2.47 17.39
C TYR C 12 31.06 3.76 16.99
N GLY C 13 32.18 3.63 16.30
CA GLY C 13 32.91 4.80 15.86
C GLY C 13 32.99 4.91 14.35
N LYS C 14 33.81 5.86 13.89
CA LYS C 14 33.98 6.09 12.46
C LYS C 14 34.46 4.83 11.75
N GLY C 15 35.37 4.09 12.38
CA GLY C 15 35.98 2.92 11.77
C GLY C 15 35.11 1.67 11.77
N TYR C 16 33.97 1.68 12.46
CA TYR C 16 33.14 0.48 12.52
C TYR C 16 32.78 -0.04 11.13
N LEU C 17 32.24 0.84 10.28
CA LEU C 17 31.79 0.42 8.96
C LEU C 17 32.92 -0.11 8.09
N ALA C 18 34.16 0.26 8.38
CA ALA C 18 35.29 -0.28 7.64
C ALA C 18 35.33 -1.81 7.70
N MET C 19 34.70 -2.42 8.70
CA MET C 19 34.68 -3.88 8.75
C MET C 19 33.80 -4.50 7.66
N PHE C 20 32.96 -3.70 6.99
CA PHE C 20 32.00 -4.21 6.03
C PHE C 20 32.36 -3.86 4.59
N LYS C 21 33.65 -3.62 4.33
CA LYS C 21 34.11 -3.38 2.97
C LYS C 21 33.71 -4.52 2.05
N ASN C 22 33.06 -4.16 0.94
CA ASN C 22 32.57 -5.13 -0.04
C ASN C 22 31.50 -6.05 0.55
N LYS C 23 30.82 -5.62 1.61
CA LYS C 23 29.70 -6.38 2.15
C LYS C 23 28.42 -5.54 2.14
N LYS C 24 27.36 -6.12 2.67
CA LYS C 24 26.07 -5.46 2.68
C LYS C 24 25.48 -5.52 4.08
N VAL C 25 25.00 -4.38 4.55
CA VAL C 25 24.39 -4.25 5.86
C VAL C 25 22.98 -3.71 5.68
N ARG C 26 22.20 -3.80 6.75
CA ARG C 26 20.89 -3.19 6.83
C ARG C 26 20.97 -1.96 7.71
N PHE C 27 20.52 -0.82 7.18
CA PHE C 27 20.39 0.41 7.95
C PHE C 27 18.95 0.56 8.38
N LYS C 28 18.68 0.50 9.66
CA LYS C 28 17.34 0.76 10.16
C LYS C 28 17.34 2.17 10.75
N VAL C 29 16.47 3.03 10.21
CA VAL C 29 16.39 4.43 10.64
C VAL C 29 15.70 4.52 12.00
N VAL C 30 16.35 5.22 12.93
CA VAL C 30 15.83 5.45 14.27
C VAL C 30 16.03 6.92 14.58
N ASN C 31 15.33 7.39 15.62
CA ASN C 31 15.42 8.77 16.06
C ASN C 31 16.03 8.90 17.44
N SER C 32 16.10 7.82 18.21
CA SER C 32 16.78 7.81 19.49
C SER C 32 17.68 6.58 19.51
N PHE C 33 18.63 6.59 20.45
CA PHE C 33 19.60 5.52 20.68
C PHE C 33 20.05 4.80 19.41
N PRO C 34 20.84 5.46 18.54
CA PRO C 34 21.33 4.83 17.31
C PRO C 34 22.71 4.20 17.48
N ASP C 35 23.04 3.22 16.64
CA ASP C 35 24.42 2.74 16.60
C ASP C 35 25.36 3.81 16.05
N LEU C 36 24.89 4.58 15.05
CA LEU C 36 25.69 5.61 14.42
C LEU C 36 24.83 6.82 14.05
N LYS C 37 25.35 8.02 14.34
CA LYS C 37 24.81 9.24 13.75
C LYS C 37 25.45 9.44 12.38
N VAL C 38 24.63 9.46 11.34
CA VAL C 38 25.09 9.46 9.95
C VAL C 38 24.65 10.75 9.29
N GLN C 39 25.59 11.44 8.66
CA GLN C 39 25.30 12.56 7.77
C GLN C 39 25.61 12.17 6.34
N PHE C 40 24.66 12.40 5.44
CA PHE C 40 24.86 12.11 4.02
C PHE C 40 25.42 13.34 3.31
N VAL C 41 26.49 13.13 2.55
CA VAL C 41 27.24 14.23 1.93
C VAL C 41 27.40 13.87 0.45
N THR C 42 27.77 14.88 -0.34
CA THR C 42 28.03 14.69 -1.77
C THR C 42 29.49 14.77 -2.13
N SER C 43 30.36 15.12 -1.18
CA SER C 43 31.79 15.21 -1.42
C SER C 43 32.53 14.88 -0.14
N PHE C 44 33.72 14.34 -0.30
CA PHE C 44 34.60 13.97 0.82
C PHE C 44 33.89 13.18 1.91
N PRO C 45 33.37 12.00 1.60
CA PRO C 45 32.74 11.16 2.63
C PRO C 45 33.79 10.30 3.32
N ASP C 46 33.38 9.69 4.43
CA ASP C 46 34.19 8.66 5.04
C ASP C 46 34.00 7.33 4.32
N TYR C 47 32.80 7.06 3.81
CA TYR C 47 32.53 5.87 3.03
C TYR C 47 31.53 6.22 1.95
N LYS C 48 31.64 5.52 0.83
CA LYS C 48 30.62 5.56 -0.21
C LYS C 48 29.71 4.36 -0.03
N VAL C 49 28.40 4.59 -0.05
CA VAL C 49 27.44 3.52 0.20
C VAL C 49 26.50 3.40 -0.99
N LYS C 50 26.30 2.18 -1.46
CA LYS C 50 25.28 1.87 -2.46
C LYS C 50 24.03 1.41 -1.73
N ILE C 51 22.92 2.08 -1.98
CA ILE C 51 21.65 1.72 -1.38
C ILE C 51 21.01 0.68 -2.29
N SER C 52 20.46 -0.37 -1.70
CA SER C 52 19.96 -1.51 -2.47
C SER C 52 18.44 -1.61 -2.40
N ASN C 53 17.90 -2.27 -3.43
CA ASN C 53 16.48 -2.57 -3.53
C ASN C 53 16.16 -3.96 -2.96
N SER C 54 17.16 -4.67 -2.47
CA SER C 54 16.99 -6.00 -1.91
C SER C 54 17.32 -5.98 -0.43
N SER C 55 16.51 -6.67 0.37
CA SER C 55 16.81 -6.83 1.79
C SER C 55 17.67 -8.05 2.07
N SER C 56 18.00 -8.82 1.04
CA SER C 56 18.79 -10.04 1.15
C SER C 56 20.27 -9.72 1.34
N PHE C 57 21.00 -10.68 1.91
CA PHE C 57 22.46 -10.64 2.07
C PHE C 57 22.94 -9.66 3.13
N CYS C 58 22.10 -9.25 4.08
CA CYS C 58 22.53 -8.29 5.09
C CYS C 58 23.29 -8.98 6.22
N GLU C 59 24.52 -8.55 6.48
CA GLU C 59 25.33 -9.19 7.50
C GLU C 59 24.83 -8.89 8.91
N GLU C 60 24.30 -7.69 9.15
CA GLU C 60 23.92 -7.26 10.48
C GLU C 60 23.12 -6.00 10.32
N THR C 61 22.33 -5.69 11.35
CA THR C 61 21.45 -4.53 11.33
C THR C 61 22.06 -3.42 12.17
N ILE C 62 22.24 -2.26 11.56
CA ILE C 62 22.84 -1.11 12.22
C ILE C 62 21.76 -0.05 12.31
N LYS C 63 21.54 0.44 13.52
CA LYS C 63 20.57 1.50 13.76
C LYS C 63 21.24 2.83 13.48
N ILE C 64 20.72 3.59 12.52
CA ILE C 64 21.33 4.86 12.16
C ILE C 64 20.35 5.99 12.44
N GLN C 65 20.91 7.14 12.80
CA GLN C 65 20.15 8.36 12.98
C GLN C 65 20.70 9.39 12.02
N VAL C 66 19.87 9.86 11.10
CA VAL C 66 20.31 10.84 10.13
C VAL C 66 20.39 12.20 10.81
N VAL C 67 21.54 12.85 10.67
CA VAL C 67 21.78 14.16 11.26
C VAL C 67 22.34 15.07 10.18
N THR C 68 22.35 16.36 10.48
CA THR C 68 22.96 17.36 9.62
C THR C 68 24.12 18.05 10.29
N SER C 69 24.39 17.77 11.56
CA SER C 69 25.50 18.34 12.29
C SER C 69 26.07 17.28 13.22
N PHE C 70 27.38 17.36 13.42
CA PHE C 70 28.11 16.50 14.35
C PHE C 70 27.85 15.02 14.12
N PRO C 71 28.08 14.51 12.91
CA PRO C 71 27.87 13.08 12.67
C PRO C 71 29.05 12.27 13.16
N ASP C 72 28.79 10.97 13.38
CA ASP C 72 29.86 10.01 13.59
C ASP C 72 30.57 9.64 12.28
N VAL C 73 29.83 9.60 11.18
CA VAL C 73 30.38 9.19 9.89
C VAL C 73 29.68 9.97 8.79
N LYS C 74 30.42 10.28 7.74
CA LYS C 74 29.87 10.92 6.56
C LYS C 74 29.74 9.84 5.49
N LEU C 75 28.53 9.66 4.97
CA LEU C 75 28.31 8.69 3.91
C LEU C 75 27.92 9.42 2.64
N GLN C 76 28.42 8.93 1.51
CA GLN C 76 28.00 9.46 0.21
C GLN C 76 27.27 8.34 -0.51
N LYS C 77 26.00 8.58 -0.77
CA LYS C 77 25.20 7.65 -1.54
C LYS C 77 25.68 7.61 -2.97
N VAL C 78 25.86 6.40 -3.51
CA VAL C 78 26.28 6.21 -4.88
C VAL C 78 25.39 5.16 -5.51
N THR C 79 25.34 5.19 -6.84
CA THR C 79 24.52 4.26 -7.59
C THR C 79 25.28 3.06 -8.11
N SER C 80 26.61 3.10 -8.19
CA SER C 80 27.32 1.97 -8.76
C SER C 80 28.40 1.36 -7.88
N PHE C 81 29.46 2.11 -7.58
CA PHE C 81 30.63 1.56 -6.87
C PHE C 81 30.84 2.20 -5.51
N GLY C 82 30.17 1.65 -4.50
CA GLY C 82 30.33 2.11 -3.14
C GLY C 82 31.14 1.15 -2.31
N ASP C 83 31.71 1.63 -1.20
CA ASP C 83 32.52 0.79 -0.33
C ASP C 83 31.75 -0.39 0.22
N PHE C 84 30.45 -0.22 0.45
CA PHE C 84 29.60 -1.32 0.90
C PHE C 84 28.17 -1.00 0.49
N GLU C 85 27.31 -2.01 0.57
CA GLU C 85 25.91 -1.81 0.25
C GLU C 85 25.10 -1.77 1.53
N ALA C 86 23.99 -1.03 1.49
CA ALA C 86 23.11 -0.90 2.65
C ALA C 86 21.68 -0.90 2.14
N TYR C 87 20.84 -1.71 2.76
CA TYR C 87 19.42 -1.65 2.49
C TYR C 87 18.77 -0.86 3.64
N ILE C 88 18.11 0.24 3.29
CA ILE C 88 17.46 1.08 4.29
C ILE C 88 16.03 0.60 4.42
N ASP C 89 15.60 0.39 5.66
CA ASP C 89 14.27 -0.07 6.00
C ASP C 89 13.20 0.61 5.15
N GLY D 11 1.39 -19.57 -8.03
CA GLY D 11 0.05 -19.65 -7.49
C GLY D 11 -0.04 -20.40 -6.16
N TYR D 12 -0.34 -19.67 -5.10
CA TYR D 12 -0.42 -20.19 -3.74
C TYR D 12 -1.42 -21.34 -3.65
N GLY D 13 -1.34 -22.10 -2.57
CA GLY D 13 -2.24 -23.21 -2.34
C GLY D 13 -3.19 -22.96 -1.19
N LYS D 14 -3.96 -24.01 -0.87
CA LYS D 14 -5.02 -23.91 0.14
C LYS D 14 -4.49 -23.48 1.50
N GLY D 15 -3.39 -24.09 1.94
CA GLY D 15 -2.86 -23.92 3.28
C GLY D 15 -2.13 -22.64 3.54
N TYR D 16 -1.87 -21.86 2.48
CA TYR D 16 -1.12 -20.62 2.61
C TYR D 16 -1.75 -19.73 3.68
N LEU D 17 -3.07 -19.54 3.61
CA LEU D 17 -3.76 -18.64 4.54
C LEU D 17 -3.63 -19.09 5.99
N ALA D 18 -3.35 -20.37 6.22
CA ALA D 18 -3.14 -20.84 7.59
C ALA D 18 -2.00 -20.10 8.28
N MET D 19 -1.06 -19.54 7.51
CA MET D 19 0.03 -18.79 8.13
C MET D 19 -0.42 -17.47 8.75
N PHE D 20 -1.63 -17.01 8.46
CA PHE D 20 -2.07 -15.70 8.92
C PHE D 20 -3.20 -15.80 9.94
N LYS D 21 -3.31 -16.92 10.64
CA LYS D 21 -4.32 -17.07 11.67
C LYS D 21 -4.18 -15.96 12.70
N ASN D 22 -5.30 -15.26 12.96
CA ASN D 22 -5.38 -14.11 13.87
C ASN D 22 -4.53 -12.94 13.39
N LYS D 23 -4.25 -12.87 12.11
CA LYS D 23 -3.64 -11.71 11.48
C LYS D 23 -4.58 -11.13 10.44
N LYS D 24 -4.10 -10.10 9.76
CA LYS D 24 -4.88 -9.37 8.78
C LYS D 24 -4.10 -9.27 7.48
N VAL D 25 -4.77 -9.58 6.37
CA VAL D 25 -4.13 -9.52 5.07
C VAL D 25 -4.91 -8.58 4.16
N ARG D 26 -4.26 -8.23 3.05
CA ARG D 26 -4.86 -7.48 1.96
C ARG D 26 -5.18 -8.45 0.85
N PHE D 27 -6.43 -8.47 0.43
CA PHE D 27 -6.84 -9.23 -0.73
C PHE D 27 -6.97 -8.23 -1.86
N LYS D 28 -6.12 -8.36 -2.87
CA LYS D 28 -6.22 -7.51 -4.06
C LYS D 28 -6.91 -8.33 -5.14
N VAL D 29 -8.09 -7.85 -5.59
CA VAL D 29 -8.89 -8.55 -6.59
C VAL D 29 -8.25 -8.39 -7.96
N VAL D 30 -8.07 -9.52 -8.65
CA VAL D 30 -7.53 -9.55 -10.01
C VAL D 30 -8.38 -10.49 -10.85
N ASN D 31 -8.21 -10.37 -12.17
CA ASN D 31 -8.90 -11.20 -13.16
C ASN D 31 -7.95 -12.13 -13.90
N SER D 32 -6.64 -11.96 -13.72
CA SER D 32 -5.60 -12.77 -14.34
C SER D 32 -4.70 -13.33 -13.24
N PHE D 33 -3.83 -14.27 -13.64
CA PHE D 33 -2.71 -14.84 -12.89
C PHE D 33 -2.83 -14.56 -11.39
N PRO D 34 -3.75 -15.20 -10.69
CA PRO D 34 -3.92 -14.90 -9.26
C PRO D 34 -3.05 -15.78 -8.36
N ASP D 35 -2.74 -15.24 -7.18
CA ASP D 35 -2.10 -16.06 -6.14
C ASP D 35 -3.07 -17.11 -5.61
N LEU D 36 -4.34 -16.77 -5.47
CA LEU D 36 -5.36 -17.69 -4.98
C LEU D 36 -6.68 -17.44 -5.70
N LYS D 37 -7.34 -18.50 -6.15
CA LYS D 37 -8.74 -18.43 -6.54
C LYS D 37 -9.61 -18.67 -5.32
N VAL D 38 -10.44 -17.70 -4.98
CA VAL D 38 -11.20 -17.67 -3.74
C VAL D 38 -12.68 -17.75 -4.07
N GLN D 39 -13.39 -18.68 -3.43
CA GLN D 39 -14.84 -18.73 -3.49
C GLN D 39 -15.43 -18.39 -2.13
N PHE D 40 -16.38 -17.47 -2.11
CA PHE D 40 -17.07 -17.12 -0.87
C PHE D 40 -18.32 -17.97 -0.72
N VAL D 41 -18.45 -18.61 0.45
CA VAL D 41 -19.47 -19.61 0.69
C VAL D 41 -20.17 -19.30 2.01
N THR D 42 -21.35 -19.90 2.19
CA THR D 42 -22.11 -19.79 3.42
C THR D 42 -22.08 -21.07 4.24
N SER D 43 -21.46 -22.13 3.72
CA SER D 43 -21.37 -23.39 4.45
C SER D 43 -20.07 -24.09 4.10
N PHE D 44 -19.53 -24.83 5.08
CA PHE D 44 -18.32 -25.63 4.98
C PHE D 44 -17.18 -24.91 4.28
N PRO D 45 -16.64 -23.87 4.88
CA PRO D 45 -15.49 -23.18 4.29
C PRO D 45 -14.18 -23.86 4.70
N ASP D 46 -13.13 -23.47 4.00
CA ASP D 46 -11.79 -23.82 4.43
C ASP D 46 -11.31 -22.89 5.55
N TYR D 47 -11.75 -21.63 5.50
CA TYR D 47 -11.45 -20.67 6.56
C TYR D 47 -12.66 -19.76 6.72
N LYS D 48 -12.84 -19.28 7.95
CA LYS D 48 -13.79 -18.21 8.22
C LYS D 48 -13.00 -16.90 8.24
N VAL D 49 -13.50 -15.90 7.52
CA VAL D 49 -12.77 -14.66 7.35
C VAL D 49 -13.64 -13.51 7.86
N LYS D 50 -13.03 -12.64 8.65
CA LYS D 50 -13.65 -11.39 9.03
C LYS D 50 -13.18 -10.33 8.04
N ILE D 51 -14.14 -9.68 7.39
CA ILE D 51 -13.84 -8.64 6.43
C ILE D 51 -13.71 -7.33 7.18
N SER D 52 -12.67 -6.57 6.88
CA SER D 52 -12.43 -5.32 7.57
C SER D 52 -12.64 -4.15 6.63
N ASN D 53 -13.08 -3.03 7.19
CA ASN D 53 -13.23 -1.78 6.47
C ASN D 53 -12.02 -0.89 6.62
N SER D 54 -10.98 -1.37 7.31
CA SER D 54 -9.76 -0.62 7.53
C SER D 54 -8.62 -1.28 6.77
N SER D 55 -7.81 -0.46 6.12
CA SER D 55 -6.63 -0.95 5.42
C SER D 55 -5.40 -1.02 6.29
N SER D 56 -5.48 -0.59 7.54
CA SER D 56 -4.32 -0.60 8.42
C SER D 56 -3.99 -2.02 8.86
N PHE D 57 -2.71 -2.24 9.18
CA PHE D 57 -2.26 -3.47 9.84
C PHE D 57 -2.34 -4.69 8.93
N CYS D 58 -2.29 -4.52 7.62
CA CYS D 58 -2.33 -5.64 6.70
C CYS D 58 -0.96 -6.29 6.65
N GLU D 59 -0.92 -7.60 6.91
CA GLU D 59 0.33 -8.33 7.02
C GLU D 59 1.01 -8.51 5.66
N GLU D 60 0.22 -8.63 4.59
CA GLU D 60 0.74 -9.03 3.29
C GLU D 60 -0.37 -8.83 2.26
N THR D 61 0.02 -8.70 0.99
CA THR D 61 -0.93 -8.57 -0.11
C THR D 61 -0.97 -9.87 -0.89
N ILE D 62 -2.16 -10.45 -1.00
CA ILE D 62 -2.40 -11.69 -1.72
C ILE D 62 -3.34 -11.39 -2.86
N LYS D 63 -2.98 -11.80 -4.06
CA LYS D 63 -3.82 -11.59 -5.24
C LYS D 63 -4.87 -12.69 -5.31
N ILE D 64 -6.14 -12.30 -5.27
CA ILE D 64 -7.24 -13.25 -5.31
C ILE D 64 -8.11 -12.98 -6.53
N GLN D 65 -8.67 -14.06 -7.05
CA GLN D 65 -9.67 -14.02 -8.10
C GLN D 65 -10.91 -14.70 -7.53
N VAL D 66 -12.01 -13.98 -7.46
CA VAL D 66 -13.24 -14.53 -6.92
C VAL D 66 -13.84 -15.48 -7.96
N VAL D 67 -14.17 -16.69 -7.52
CA VAL D 67 -14.74 -17.70 -8.39
C VAL D 67 -15.96 -18.33 -7.72
N THR D 68 -16.72 -19.05 -8.53
CA THR D 68 -17.83 -19.85 -8.05
C THR D 68 -17.57 -21.33 -8.29
N SER D 69 -16.44 -21.67 -8.91
CA SER D 69 -16.07 -23.03 -9.20
C SER D 69 -14.57 -23.21 -9.02
N PHE D 70 -14.19 -24.41 -8.57
CA PHE D 70 -12.79 -24.82 -8.50
C PHE D 70 -11.92 -23.78 -7.78
N PRO D 71 -12.26 -23.43 -6.54
CA PRO D 71 -11.45 -22.46 -5.83
C PRO D 71 -10.20 -23.13 -5.28
N ASP D 72 -9.17 -22.30 -5.08
CA ASP D 72 -8.03 -22.78 -4.31
C ASP D 72 -8.41 -22.84 -2.83
N VAL D 73 -9.35 -21.99 -2.42
CA VAL D 73 -9.80 -21.93 -1.03
C VAL D 73 -11.26 -21.49 -1.02
N LYS D 74 -12.03 -22.05 -0.09
CA LYS D 74 -13.39 -21.60 0.15
C LYS D 74 -13.40 -20.78 1.45
N LEU D 75 -13.87 -19.55 1.36
CA LEU D 75 -13.94 -18.66 2.50
C LEU D 75 -15.40 -18.37 2.84
N GLN D 76 -15.69 -18.28 4.13
CA GLN D 76 -17.00 -17.88 4.61
C GLN D 76 -16.84 -16.56 5.35
N LYS D 77 -17.51 -15.53 4.84
CA LYS D 77 -17.52 -14.24 5.51
C LYS D 77 -18.25 -14.33 6.83
N VAL D 78 -17.63 -13.77 7.87
CA VAL D 78 -18.23 -13.70 9.19
C VAL D 78 -18.02 -12.29 9.73
N THR D 79 -18.88 -11.92 10.67
CA THR D 79 -18.80 -10.62 11.33
C THR D 79 -18.05 -10.69 12.65
N SER D 80 -17.98 -11.87 13.25
CA SER D 80 -17.26 -12.06 14.50
C SER D 80 -15.79 -12.34 14.20
N PHE D 81 -15.05 -12.79 15.20
CA PHE D 81 -13.63 -13.10 15.01
C PHE D 81 -13.51 -14.41 14.26
N GLY D 82 -12.87 -14.38 13.10
CA GLY D 82 -12.70 -15.55 12.29
C GLY D 82 -11.29 -16.10 12.36
N ASP D 83 -10.93 -16.89 11.36
CA ASP D 83 -9.58 -17.43 11.31
C ASP D 83 -8.55 -16.33 11.10
N PHE D 84 -8.90 -15.35 10.27
CA PHE D 84 -8.04 -14.19 10.01
C PHE D 84 -8.93 -13.07 9.50
N GLU D 85 -8.37 -11.87 9.45
CA GLU D 85 -9.04 -10.70 8.93
C GLU D 85 -8.50 -10.37 7.54
N ALA D 86 -9.35 -9.78 6.71
CA ALA D 86 -8.97 -9.41 5.36
C ALA D 86 -9.60 -8.08 4.99
N TYR D 87 -8.79 -7.18 4.45
CA TYR D 87 -9.28 -5.99 3.80
C TYR D 87 -9.27 -6.29 2.30
N ILE D 88 -10.43 -6.16 1.66
CA ILE D 88 -10.56 -6.46 0.24
C ILE D 88 -10.31 -5.17 -0.52
N ASP D 89 -9.43 -5.22 -1.49
CA ASP D 89 -9.15 -4.06 -2.31
C ASP D 89 -8.75 -4.43 -3.73
N TYR E 12 54.39 -7.44 13.22
CA TYR E 12 53.20 -8.19 13.61
C TYR E 12 52.87 -9.25 12.57
N GLY E 13 52.70 -10.47 13.04
CA GLY E 13 52.36 -11.57 12.15
C GLY E 13 51.00 -12.14 12.46
N LYS E 14 50.67 -13.23 11.77
CA LYS E 14 49.37 -13.87 11.92
C LYS E 14 49.14 -14.34 13.36
N GLY E 15 50.17 -14.92 13.98
CA GLY E 15 50.04 -15.48 15.31
C GLY E 15 50.05 -14.49 16.45
N TYR E 16 50.36 -13.22 16.17
CA TYR E 16 50.43 -12.21 17.22
C TYR E 16 49.14 -12.14 18.02
N LEU E 17 48.00 -12.09 17.33
CA LEU E 17 46.71 -11.95 18.02
C LEU E 17 46.44 -13.10 18.97
N ALA E 18 47.10 -14.26 18.77
CA ALA E 18 46.94 -15.38 19.69
C ALA E 18 47.33 -15.04 21.11
N MET E 19 48.17 -14.01 21.32
CA MET E 19 48.51 -13.68 22.70
C MET E 19 47.34 -13.10 23.48
N PHE E 20 46.27 -12.70 22.80
CA PHE E 20 45.18 -11.99 23.47
C PHE E 20 43.94 -12.87 23.62
N LYS E 21 44.12 -14.18 23.62
CA LYS E 21 43.00 -15.09 23.80
C LYS E 21 42.30 -14.79 25.12
N ASN E 22 40.99 -14.54 25.02
CA ASN E 22 40.14 -14.14 26.15
C ASN E 22 40.59 -12.81 26.73
N LYS E 23 41.22 -11.98 25.92
CA LYS E 23 41.60 -10.62 26.27
C LYS E 23 40.88 -9.66 25.32
N LYS E 24 41.13 -8.36 25.48
CA LYS E 24 40.57 -7.37 24.56
C LYS E 24 41.67 -6.39 24.14
N VAL E 25 41.71 -6.09 22.85
CA VAL E 25 42.67 -5.14 22.26
C VAL E 25 41.89 -4.05 21.55
N ARG E 26 42.59 -2.97 21.23
CA ARG E 26 41.98 -1.89 20.45
C ARG E 26 42.56 -1.91 19.04
N PHE E 27 41.68 -1.96 18.04
CA PHE E 27 42.06 -1.87 16.63
C PHE E 27 41.86 -0.44 16.16
N LYS E 28 42.94 0.19 15.69
CA LYS E 28 42.86 1.51 15.08
C LYS E 28 42.85 1.34 13.57
N VAL E 29 41.78 1.82 12.94
CA VAL E 29 41.68 1.72 11.49
C VAL E 29 42.60 2.73 10.84
N VAL E 30 43.43 2.26 9.90
CA VAL E 30 44.37 3.08 9.15
C VAL E 30 44.23 2.72 7.68
N ASN E 31 44.79 3.57 6.82
CA ASN E 31 44.72 3.32 5.38
C ASN E 31 46.06 3.01 4.75
N SER E 32 47.16 3.32 5.43
CA SER E 32 48.48 2.94 4.97
C SER E 32 49.26 2.33 6.13
N PHE E 33 50.33 1.62 5.77
CA PHE E 33 51.32 1.03 6.66
C PHE E 33 50.72 0.57 7.99
N PRO E 34 49.95 -0.51 7.98
CA PRO E 34 49.35 -1.04 9.20
C PRO E 34 50.25 -2.08 9.87
N ASP E 35 50.02 -2.27 11.17
CA ASP E 35 50.65 -3.39 11.87
C ASP E 35 50.15 -4.72 11.32
N LEU E 36 48.86 -4.78 10.98
CA LEU E 36 48.23 -5.97 10.42
C LEU E 36 47.25 -5.52 9.35
N LYS E 37 47.30 -6.18 8.19
CA LYS E 37 46.22 -6.08 7.22
C LYS E 37 45.19 -7.16 7.56
N VAL E 38 43.96 -6.73 7.81
CA VAL E 38 42.91 -7.60 8.31
C VAL E 38 41.82 -7.71 7.26
N GLN E 39 41.43 -8.94 6.94
CA GLN E 39 40.25 -9.18 6.12
C GLN E 39 39.18 -9.79 7.01
N PHE E 40 37.99 -9.20 6.98
CA PHE E 40 36.87 -9.75 7.72
C PHE E 40 36.11 -10.74 6.86
N VAL E 41 35.87 -11.92 7.41
CA VAL E 41 35.31 -13.03 6.65
C VAL E 41 34.13 -13.57 7.45
N THR E 42 33.28 -14.32 6.76
CA THR E 42 32.15 -14.96 7.42
C THR E 42 32.36 -16.46 7.54
N SER E 43 33.47 -16.99 7.02
CA SER E 43 33.76 -18.40 7.12
C SER E 43 35.27 -18.59 7.18
N PHE E 44 35.68 -19.67 7.84
CA PHE E 44 37.07 -20.08 7.93
C PHE E 44 38.02 -18.95 8.31
N PRO E 45 37.86 -18.36 9.49
CA PRO E 45 38.78 -17.30 9.91
C PRO E 45 40.03 -17.86 10.58
N ASP E 46 41.02 -16.99 10.73
CA ASP E 46 42.18 -17.29 11.56
C ASP E 46 41.86 -17.06 13.03
N TYR E 47 41.00 -16.07 13.31
CA TYR E 47 40.48 -15.80 14.64
C TYR E 47 39.05 -15.32 14.51
N LYS E 48 38.24 -15.64 15.51
CA LYS E 48 36.90 -15.08 15.68
C LYS E 48 37.01 -13.93 16.66
N VAL E 49 36.43 -12.79 16.32
CA VAL E 49 36.55 -11.59 17.14
C VAL E 49 35.14 -11.11 17.51
N LYS E 50 34.94 -10.83 18.79
CA LYS E 50 33.76 -10.11 19.24
C LYS E 50 34.12 -8.65 19.38
N ILE E 51 33.35 -7.79 18.76
CA ILE E 51 33.59 -6.36 18.84
C ILE E 51 32.92 -5.82 20.08
N SER E 52 33.62 -4.97 20.81
CA SER E 52 33.11 -4.40 22.05
C SER E 52 32.84 -2.93 21.84
N ASN E 53 31.89 -2.40 22.61
CA ASN E 53 31.55 -0.99 22.55
C ASN E 53 32.32 -0.17 23.57
N SER E 54 33.16 -0.82 24.38
CA SER E 54 33.98 -0.18 25.38
C SER E 54 35.44 -0.35 25.03
N SER E 55 36.20 0.73 25.16
CA SER E 55 37.65 0.64 25.01
C SER E 55 38.33 0.35 26.32
N SER E 56 37.58 0.17 27.40
CA SER E 56 38.22 -0.07 28.69
C SER E 56 38.80 -1.47 28.69
N PHE E 57 39.87 -1.66 29.46
CA PHE E 57 40.53 -2.95 29.61
C PHE E 57 41.23 -3.41 28.33
N CYS E 58 41.55 -2.48 27.43
CA CYS E 58 42.24 -2.82 26.19
C CYS E 58 43.73 -3.04 26.47
N GLU E 59 44.23 -4.20 26.06
CA GLU E 59 45.59 -4.60 26.35
C GLU E 59 46.63 -3.80 25.57
N GLU E 60 46.30 -3.42 24.34
CA GLU E 60 47.29 -2.91 23.41
C GLU E 60 46.54 -2.33 22.21
N THR E 61 47.19 -1.42 21.50
CA THR E 61 46.61 -0.82 20.31
C THR E 61 47.33 -1.36 19.09
N ILE E 62 46.56 -1.92 18.16
CA ILE E 62 47.08 -2.49 16.93
C ILE E 62 46.50 -1.71 15.76
N LYS E 63 47.37 -1.24 14.88
CA LYS E 63 46.92 -0.51 13.70
C LYS E 63 46.55 -1.53 12.64
N ILE E 64 45.29 -1.53 12.22
CA ILE E 64 44.82 -2.49 11.23
C ILE E 64 44.38 -1.74 9.98
N GLN E 65 44.51 -2.42 8.85
CA GLN E 65 44.02 -1.95 7.57
C GLN E 65 43.04 -2.99 7.06
N VAL E 66 41.79 -2.59 6.83
CA VAL E 66 40.83 -3.53 6.30
C VAL E 66 41.11 -3.72 4.83
N VAL E 67 41.32 -4.97 4.42
CA VAL E 67 41.64 -5.31 3.05
C VAL E 67 40.74 -6.47 2.63
N THR E 68 40.71 -6.70 1.31
CA THR E 68 40.02 -7.84 0.75
C THR E 68 40.94 -8.78 -0.01
N SER E 69 42.23 -8.45 -0.10
CA SER E 69 43.21 -9.30 -0.77
C SER E 69 44.47 -9.33 0.06
N PHE E 70 45.10 -10.49 0.10
CA PHE E 70 46.39 -10.68 0.76
C PHE E 70 46.39 -10.13 2.18
N PRO E 71 45.51 -10.62 3.06
CA PRO E 71 45.52 -10.16 4.45
C PRO E 71 46.59 -10.88 5.25
N ASP E 72 46.99 -10.24 6.36
CA ASP E 72 47.82 -10.92 7.35
C ASP E 72 47.01 -11.91 8.17
N VAL E 73 45.75 -11.59 8.43
CA VAL E 73 44.87 -12.41 9.24
C VAL E 73 43.47 -12.25 8.73
N LYS E 74 42.69 -13.32 8.77
CA LYS E 74 41.28 -13.27 8.47
C LYS E 74 40.52 -13.37 9.77
N LEU E 75 39.68 -12.37 10.04
CA LEU E 75 38.87 -12.32 11.24
C LEU E 75 37.40 -12.47 10.87
N GLN E 76 36.66 -13.17 11.70
CA GLN E 76 35.23 -13.30 11.57
C GLN E 76 34.59 -12.65 12.78
N LYS E 77 33.81 -11.61 12.55
CA LYS E 77 33.07 -10.98 13.64
C LYS E 77 32.04 -11.95 14.17
N VAL E 78 31.99 -12.09 15.50
CA VAL E 78 31.00 -12.93 16.14
C VAL E 78 30.43 -12.14 17.31
N THR E 79 29.24 -12.53 17.74
CA THR E 79 28.62 -11.85 18.86
C THR E 79 28.87 -12.55 20.20
N SER E 80 29.08 -13.87 20.17
CA SER E 80 29.40 -14.63 21.36
C SER E 80 30.57 -15.56 21.04
N PHE E 81 31.20 -16.07 22.10
CA PHE E 81 32.30 -17.02 22.02
C PHE E 81 33.35 -16.65 20.96
N GLY E 82 34.17 -15.65 21.26
CA GLY E 82 35.23 -15.23 20.37
C GLY E 82 36.62 -15.58 20.89
N ASP E 83 37.59 -15.66 19.98
CA ASP E 83 38.97 -15.93 20.39
C ASP E 83 39.53 -14.76 21.18
N PHE E 84 39.13 -13.54 20.84
CA PHE E 84 39.52 -12.34 21.58
C PHE E 84 38.49 -11.24 21.30
N GLU E 85 38.57 -10.17 22.08
CA GLU E 85 37.72 -9.01 21.92
C GLU E 85 38.50 -7.85 21.32
N ALA E 86 37.80 -6.99 20.59
CA ALA E 86 38.41 -5.82 19.94
C ALA E 86 37.48 -4.64 20.02
N TYR E 87 38.01 -3.48 20.38
CA TYR E 87 37.30 -2.20 20.24
C TYR E 87 37.83 -1.51 18.98
N ILE E 88 36.92 -1.25 18.03
CA ILE E 88 37.27 -0.72 16.71
C ILE E 88 37.15 0.80 16.67
N ASP E 89 38.14 1.45 16.08
CA ASP E 89 38.08 2.90 15.82
C ASP E 89 39.14 3.30 14.77
N TYR F 12 7.25 -33.55 18.99
CA TYR F 12 8.55 -33.00 18.59
C TYR F 12 8.83 -31.58 19.09
N GLY F 13 10.11 -31.26 19.18
CA GLY F 13 10.59 -30.00 19.71
C GLY F 13 11.28 -29.07 18.73
N LYS F 14 11.92 -28.04 19.28
CA LYS F 14 12.54 -26.98 18.47
C LYS F 14 13.54 -27.53 17.46
N GLY F 15 14.38 -28.49 17.88
CA GLY F 15 15.45 -28.90 16.99
C GLY F 15 15.07 -29.80 15.84
N TYR F 16 13.84 -30.32 15.81
CA TYR F 16 13.46 -31.25 14.74
C TYR F 16 13.70 -30.65 13.37
N LEU F 17 13.22 -29.42 13.14
CA LEU F 17 13.35 -28.81 11.83
C LEU F 17 14.81 -28.62 11.45
N ALA F 18 15.70 -28.56 12.44
CA ALA F 18 17.12 -28.44 12.17
C ALA F 18 17.65 -29.59 11.34
N MET F 19 16.97 -30.75 11.35
CA MET F 19 17.45 -31.88 10.56
C MET F 19 17.29 -31.65 9.07
N PHE F 20 16.48 -30.66 8.66
CA PHE F 20 16.12 -30.46 7.26
C PHE F 20 16.77 -29.23 6.65
N LYS F 21 17.94 -28.83 7.16
CA LYS F 21 18.69 -27.72 6.58
C LYS F 21 18.93 -27.94 5.09
N ASN F 22 18.55 -26.94 4.29
CA ASN F 22 18.73 -26.96 2.83
C ASN F 22 17.96 -28.12 2.19
N LYS F 23 16.92 -28.57 2.87
CA LYS F 23 16.04 -29.62 2.38
C LYS F 23 14.65 -29.04 2.18
N LYS F 24 13.70 -29.89 1.79
CA LYS F 24 12.33 -29.45 1.59
C LYS F 24 11.41 -30.39 2.34
N VAL F 25 10.45 -29.81 3.08
CA VAL F 25 9.51 -30.59 3.88
C VAL F 25 8.08 -30.26 3.47
N ARG F 26 7.17 -31.12 3.93
CA ARG F 26 5.74 -30.95 3.81
C ARG F 26 5.18 -30.58 5.18
N PHE F 27 4.48 -29.45 5.26
CA PHE F 27 3.79 -29.01 6.46
C PHE F 27 2.33 -29.39 6.29
N LYS F 28 1.84 -30.27 7.15
CA LYS F 28 0.43 -30.65 7.15
C LYS F 28 -0.27 -29.90 8.27
N VAL F 29 -1.27 -29.10 7.91
CA VAL F 29 -1.98 -28.30 8.90
C VAL F 29 -2.87 -29.20 9.74
N VAL F 30 -2.68 -29.14 11.06
CA VAL F 30 -3.48 -29.91 12.00
C VAL F 30 -3.82 -28.98 13.15
N ASN F 31 -4.81 -29.37 13.93
CA ASN F 31 -5.21 -28.55 15.07
C ASN F 31 -5.09 -29.26 16.41
N SER F 32 -4.84 -30.57 16.45
CA SER F 32 -4.58 -31.28 17.69
C SER F 32 -3.28 -32.04 17.54
N PHE F 33 -2.70 -32.46 18.69
CA PHE F 33 -1.51 -33.30 18.79
C PHE F 33 -0.59 -33.10 17.59
N PRO F 34 0.05 -31.95 17.49
CA PRO F 34 0.91 -31.70 16.34
C PRO F 34 2.33 -32.14 16.65
N ASP F 35 3.05 -32.47 15.57
CA ASP F 35 4.48 -32.66 15.75
C ASP F 35 5.12 -31.35 16.18
N LEU F 36 4.60 -30.23 15.69
CA LEU F 36 5.07 -28.91 16.09
C LEU F 36 3.90 -27.95 16.15
N LYS F 37 3.81 -27.20 17.25
CA LYS F 37 2.99 -26.01 17.25
C LYS F 37 3.83 -24.88 16.68
N VAL F 38 3.38 -24.29 15.58
CA VAL F 38 4.18 -23.35 14.82
C VAL F 38 3.53 -21.97 14.93
N GLN F 39 4.33 -20.99 15.32
CA GLN F 39 3.93 -19.59 15.25
C GLN F 39 4.75 -18.91 14.18
N PHE F 40 4.08 -18.23 13.27
CA PHE F 40 4.74 -17.49 12.21
C PHE F 40 5.01 -16.07 12.71
N VAL F 41 6.25 -15.62 12.56
CA VAL F 41 6.68 -14.38 13.15
C VAL F 41 7.35 -13.55 12.06
N THR F 42 7.46 -12.25 12.32
CA THR F 42 8.13 -11.34 11.40
C THR F 42 9.48 -10.89 11.92
N SER F 43 9.84 -11.25 13.15
CA SER F 43 11.13 -10.89 13.71
C SER F 43 11.57 -11.98 14.68
N PHE F 44 12.88 -12.18 14.76
CA PHE F 44 13.49 -13.11 15.71
C PHE F 44 12.88 -14.51 15.68
N PRO F 45 12.93 -15.20 14.54
CA PRO F 45 12.43 -16.57 14.44
C PRO F 45 13.50 -17.61 14.78
N ASP F 46 13.03 -18.85 14.97
CA ASP F 46 13.95 -19.98 15.08
C ASP F 46 14.42 -20.50 13.72
N TYR F 47 13.57 -20.43 12.70
CA TYR F 47 13.96 -20.80 11.35
C TYR F 47 13.25 -19.87 10.37
N LYS F 48 13.91 -19.58 9.25
CA LYS F 48 13.29 -18.91 8.12
C LYS F 48 12.87 -19.96 7.10
N VAL F 49 11.64 -19.85 6.61
CA VAL F 49 11.06 -20.85 5.73
C VAL F 49 10.64 -20.21 4.41
N LYS F 50 11.02 -20.87 3.31
CA LYS F 50 10.51 -20.54 1.98
C LYS F 50 9.32 -21.44 1.70
N ILE F 51 8.18 -20.84 1.36
CA ILE F 51 6.96 -21.59 1.08
C ILE F 51 6.89 -21.95 -0.40
N SER F 52 6.55 -23.20 -0.68
CA SER F 52 6.40 -23.70 -2.04
C SER F 52 4.96 -24.13 -2.29
N ASN F 53 4.51 -24.06 -3.55
CA ASN F 53 3.19 -24.54 -3.92
C ASN F 53 3.23 -25.95 -4.47
N SER F 54 4.42 -26.55 -4.55
CA SER F 54 4.58 -27.86 -5.15
C SER F 54 4.96 -28.88 -4.08
N SER F 55 4.33 -30.06 -4.16
CA SER F 55 4.60 -31.18 -3.28
C SER F 55 5.69 -32.11 -3.81
N SER F 56 6.24 -31.84 -4.99
CA SER F 56 7.30 -32.69 -5.51
C SER F 56 8.58 -32.41 -4.73
N PHE F 57 9.41 -33.46 -4.59
CA PHE F 57 10.67 -33.42 -3.84
C PHE F 57 10.48 -33.35 -2.32
N CYS F 58 9.35 -33.80 -1.77
CA CYS F 58 9.18 -33.67 -0.33
C CYS F 58 9.98 -34.72 0.44
N GLU F 59 10.87 -34.24 1.31
CA GLU F 59 11.69 -35.12 2.13
C GLU F 59 10.87 -35.76 3.24
N GLU F 60 9.83 -35.09 3.72
CA GLU F 60 9.13 -35.54 4.91
C GLU F 60 7.83 -34.77 5.05
N THR F 61 6.87 -35.38 5.74
CA THR F 61 5.59 -34.76 6.04
C THR F 61 5.53 -34.47 7.54
N ILE F 62 5.27 -33.22 7.91
CA ILE F 62 5.22 -32.81 9.31
C ILE F 62 3.85 -32.24 9.64
N LYS F 63 3.24 -32.74 10.71
CA LYS F 63 1.95 -32.23 11.16
C LYS F 63 2.21 -31.00 12.03
N ILE F 64 1.72 -29.84 11.59
CA ILE F 64 1.95 -28.59 12.29
C ILE F 64 0.62 -28.01 12.74
N GLN F 65 0.66 -27.29 13.85
CA GLN F 65 -0.48 -26.55 14.36
C GLN F 65 -0.09 -25.08 14.43
N VAL F 66 -0.80 -24.24 13.69
CA VAL F 66 -0.50 -22.81 13.73
C VAL F 66 -1.11 -22.22 15.00
N VAL F 67 -0.29 -21.57 15.80
CA VAL F 67 -0.71 -20.96 17.05
C VAL F 67 -0.20 -19.53 17.07
N THR F 68 -0.73 -18.74 18.01
CA THR F 68 -0.26 -17.39 18.24
C THR F 68 0.34 -17.21 19.63
N SER F 69 0.31 -18.23 20.48
CA SER F 69 0.91 -18.16 21.81
C SER F 69 1.55 -19.50 22.16
N PHE F 70 2.69 -19.44 22.83
CA PHE F 70 3.40 -20.63 23.31
C PHE F 70 3.59 -21.71 22.24
N PRO F 71 4.28 -21.39 21.16
CA PRO F 71 4.55 -22.39 20.11
C PRO F 71 5.74 -23.28 20.46
N ASP F 72 5.80 -24.43 19.79
CA ASP F 72 7.01 -25.24 19.85
C ASP F 72 8.14 -24.60 19.06
N VAL F 73 7.82 -23.89 17.98
CA VAL F 73 8.85 -23.29 17.12
C VAL F 73 8.29 -22.02 16.49
N LYS F 74 9.17 -21.04 16.27
CA LYS F 74 8.84 -19.83 15.54
C LYS F 74 9.43 -19.91 14.13
N LEU F 75 8.58 -19.77 13.12
CA LEU F 75 9.00 -19.76 11.74
C LEU F 75 8.76 -18.38 11.15
N GLN F 76 9.68 -17.91 10.32
CA GLN F 76 9.51 -16.66 9.58
C GLN F 76 9.45 -17.00 8.10
N LYS F 77 8.34 -16.70 7.47
CA LYS F 77 8.23 -16.89 6.04
C LYS F 77 9.15 -15.92 5.31
N VAL F 78 9.94 -16.46 4.37
CA VAL F 78 10.80 -15.66 3.52
C VAL F 78 10.69 -16.20 2.11
N THR F 79 11.07 -15.38 1.12
CA THR F 79 11.05 -15.85 -0.26
C THR F 79 12.39 -16.33 -0.75
N SER F 80 13.49 -15.80 -0.20
CA SER F 80 14.83 -16.23 -0.58
C SER F 80 15.68 -16.48 0.67
N PHE F 81 16.63 -17.40 0.52
CA PHE F 81 17.66 -17.72 1.51
C PHE F 81 17.03 -18.11 2.85
N GLY F 82 16.46 -19.31 2.83
CA GLY F 82 15.84 -19.88 3.99
C GLY F 82 16.62 -21.06 4.54
N ASP F 83 16.41 -21.35 5.82
CA ASP F 83 17.05 -22.51 6.42
C ASP F 83 16.52 -23.80 5.81
N PHE F 84 15.25 -23.83 5.42
CA PHE F 84 14.68 -24.97 4.74
C PHE F 84 13.48 -24.48 3.92
N GLU F 85 13.01 -25.34 3.01
CA GLU F 85 11.86 -25.07 2.16
C GLU F 85 10.67 -25.87 2.63
N ALA F 86 9.46 -25.35 2.43
CA ALA F 86 8.27 -26.04 2.90
C ALA F 86 7.09 -25.87 1.95
N TYR F 87 6.40 -26.98 1.69
CA TYR F 87 5.08 -26.95 1.06
C TYR F 87 4.01 -27.04 2.13
N ILE F 88 3.13 -26.05 2.20
CA ILE F 88 2.08 -26.01 3.21
C ILE F 88 0.79 -26.61 2.63
N ASP F 89 0.15 -27.52 3.39
CA ASP F 89 -1.14 -28.15 3.07
C ASP F 89 -2.12 -27.92 4.19
N TYR G 12 -18.84 -0.16 4.70
CA TYR G 12 -18.29 -1.04 3.67
C TYR G 12 -17.39 -0.24 2.73
N GLY G 13 -16.46 -0.93 2.06
CA GLY G 13 -15.56 -0.27 1.14
C GLY G 13 -15.78 -0.69 -0.30
N LYS G 14 -14.89 -0.27 -1.20
CA LYS G 14 -15.05 -0.58 -2.62
C LYS G 14 -15.06 -2.08 -2.89
N GLY G 15 -14.15 -2.84 -2.25
CA GLY G 15 -13.96 -4.25 -2.59
C GLY G 15 -15.03 -5.19 -2.08
N TYR G 16 -15.94 -4.70 -1.23
CA TYR G 16 -16.95 -5.54 -0.61
C TYR G 16 -17.76 -6.31 -1.64
N LEU G 17 -18.28 -5.61 -2.65
CA LEU G 17 -19.13 -6.25 -3.65
C LEU G 17 -18.43 -7.37 -4.41
N ALA G 18 -17.09 -7.39 -4.42
CA ALA G 18 -16.38 -8.48 -5.09
C ALA G 18 -16.77 -9.84 -4.52
N MET G 19 -17.21 -9.89 -3.26
CA MET G 19 -17.59 -11.16 -2.67
C MET G 19 -18.90 -11.73 -3.21
N PHE G 20 -19.66 -10.95 -3.98
CA PHE G 20 -20.99 -11.37 -4.41
C PHE G 20 -21.02 -11.75 -5.89
N LYS G 21 -19.88 -12.20 -6.41
CA LYS G 21 -19.81 -12.64 -7.79
C LYS G 21 -20.84 -13.73 -8.09
N ASN G 22 -21.65 -13.46 -9.12
CA ASN G 22 -22.71 -14.36 -9.57
C ASN G 22 -23.73 -14.61 -8.46
N LYS G 23 -23.86 -13.68 -7.52
CA LYS G 23 -24.87 -13.79 -6.48
C LYS G 23 -25.84 -12.62 -6.61
N LYS G 24 -26.80 -12.56 -5.69
CA LYS G 24 -27.82 -11.52 -5.70
C LYS G 24 -27.93 -10.88 -4.33
N VAL G 25 -27.92 -9.56 -4.31
CA VAL G 25 -28.05 -8.77 -3.09
C VAL G 25 -29.22 -7.82 -3.23
N ARG G 26 -29.66 -7.31 -2.09
CA ARG G 26 -30.68 -6.27 -2.02
C ARG G 26 -30.02 -4.97 -1.63
N PHE G 27 -30.28 -3.92 -2.40
CA PHE G 27 -29.83 -2.57 -2.10
C PHE G 27 -30.97 -1.83 -1.43
N LYS G 28 -30.76 -1.38 -0.20
CA LYS G 28 -31.73 -0.54 0.49
C LYS G 28 -31.27 0.90 0.29
N VAL G 29 -32.07 1.68 -0.42
CA VAL G 29 -31.73 3.08 -0.70
C VAL G 29 -31.98 3.89 0.56
N VAL G 30 -30.99 4.67 0.99
CA VAL G 30 -31.11 5.48 2.19
C VAL G 30 -30.61 6.89 1.91
N ASN G 31 -30.93 7.79 2.84
CA ASN G 31 -30.54 9.19 2.75
C ASN G 31 -29.52 9.59 3.81
N SER G 32 -29.36 8.77 4.84
CA SER G 32 -28.31 8.95 5.84
C SER G 32 -27.66 7.59 6.09
N PHE G 33 -26.53 7.64 6.78
CA PHE G 33 -25.75 6.49 7.25
C PHE G 33 -25.77 5.31 6.30
N PRO G 34 -25.12 5.38 5.15
CA PRO G 34 -25.12 4.25 4.22
C PRO G 34 -23.94 3.33 4.48
N ASP G 35 -24.15 2.05 4.13
CA ASP G 35 -23.02 1.12 4.07
C ASP G 35 -22.07 1.48 2.94
N LEU G 36 -22.63 1.94 1.82
CA LEU G 36 -21.86 2.31 0.64
C LEU G 36 -22.48 3.55 -0.01
N LYS G 37 -21.64 4.51 -0.35
CA LYS G 37 -22.03 5.58 -1.25
C LYS G 37 -21.80 5.10 -2.67
N VAL G 38 -22.86 5.03 -3.46
CA VAL G 38 -22.85 4.42 -4.78
C VAL G 38 -23.13 5.48 -5.83
N GLN G 39 -22.27 5.56 -6.82
CA GLN G 39 -22.55 6.34 -8.01
C GLN G 39 -22.77 5.39 -9.18
N PHE G 40 -23.89 5.57 -9.88
CA PHE G 40 -24.19 4.76 -11.05
C PHE G 40 -23.63 5.45 -12.28
N VAL G 41 -22.88 4.70 -13.08
CA VAL G 41 -22.13 5.24 -14.19
C VAL G 41 -22.42 4.42 -15.44
N THR G 42 -22.13 5.01 -16.60
CA THR G 42 -22.27 4.34 -17.88
C THR G 42 -20.92 3.99 -18.50
N SER G 43 -19.82 4.40 -17.86
CA SER G 43 -18.46 4.14 -18.33
C SER G 43 -17.54 4.03 -17.12
N PHE G 44 -16.44 3.31 -17.29
CA PHE G 44 -15.43 3.14 -16.25
C PHE G 44 -16.06 2.69 -14.92
N PRO G 45 -16.69 1.52 -14.88
CA PRO G 45 -17.27 1.03 -13.63
C PRO G 45 -16.28 0.24 -12.79
N ASP G 46 -16.61 0.12 -11.50
CA ASP G 46 -15.90 -0.83 -10.66
C ASP G 46 -16.50 -2.22 -10.79
N TYR G 47 -17.80 -2.31 -11.00
CA TYR G 47 -18.49 -3.57 -11.24
C TYR G 47 -19.64 -3.33 -12.21
N LYS G 48 -19.97 -4.34 -13.01
CA LYS G 48 -21.20 -4.35 -13.78
C LYS G 48 -22.28 -5.13 -13.03
N VAL G 49 -23.46 -4.54 -12.93
CA VAL G 49 -24.56 -5.11 -12.15
C VAL G 49 -25.79 -5.28 -13.03
N LYS G 50 -26.42 -6.45 -12.91
CA LYS G 50 -27.73 -6.72 -13.51
C LYS G 50 -28.80 -6.42 -12.48
N ILE G 51 -29.76 -5.56 -12.84
CA ILE G 51 -30.83 -5.16 -11.94
C ILE G 51 -31.99 -6.13 -12.06
N SER G 52 -32.54 -6.51 -10.91
CA SER G 52 -33.65 -7.44 -10.84
C SER G 52 -34.89 -6.73 -10.31
N ASN G 53 -36.05 -7.21 -10.72
CA ASN G 53 -37.33 -6.69 -10.25
C ASN G 53 -37.92 -7.51 -9.11
N SER G 54 -37.24 -8.55 -8.66
CA SER G 54 -37.76 -9.40 -7.59
C SER G 54 -36.90 -9.28 -6.35
N SER G 55 -37.57 -9.18 -5.19
CA SER G 55 -36.87 -9.13 -3.91
C SER G 55 -36.55 -10.53 -3.38
N SER G 56 -36.94 -11.56 -4.13
CA SER G 56 -36.70 -12.93 -3.70
C SER G 56 -35.24 -13.29 -3.88
N PHE G 57 -34.80 -14.26 -3.07
CA PHE G 57 -33.53 -14.95 -3.27
C PHE G 57 -32.32 -14.06 -2.95
N CYS G 58 -32.52 -13.01 -2.17
CA CYS G 58 -31.45 -12.05 -1.84
C CYS G 58 -30.56 -12.57 -0.72
N GLU G 59 -29.24 -12.61 -0.97
CA GLU G 59 -28.30 -13.09 0.04
C GLU G 59 -28.12 -12.10 1.18
N GLU G 60 -28.19 -10.80 0.91
CA GLU G 60 -27.83 -9.82 1.92
C GLU G 60 -28.36 -8.46 1.49
N THR G 61 -28.58 -7.60 2.48
CA THR G 61 -29.05 -6.24 2.26
C THR G 61 -27.94 -5.26 2.56
N ILE G 62 -27.64 -4.40 1.60
CA ILE G 62 -26.61 -3.37 1.72
C ILE G 62 -27.31 -2.02 1.63
N LYS G 63 -27.07 -1.17 2.62
CA LYS G 63 -27.67 0.16 2.61
C LYS G 63 -26.79 1.08 1.76
N ILE G 64 -27.36 1.60 0.67
CA ILE G 64 -26.61 2.42 -0.27
C ILE G 64 -27.22 3.82 -0.33
N GLN G 65 -26.37 4.80 -0.58
CA GLN G 65 -26.79 6.17 -0.84
C GLN G 65 -26.27 6.57 -2.22
N VAL G 66 -27.17 6.91 -3.13
CA VAL G 66 -26.79 7.28 -4.49
C VAL G 66 -26.23 8.70 -4.48
N VAL G 67 -25.01 8.86 -4.99
CA VAL G 67 -24.33 10.14 -5.05
C VAL G 67 -23.77 10.32 -6.47
N THR G 68 -23.34 11.55 -6.76
CA THR G 68 -22.67 11.84 -8.02
C THR G 68 -21.23 12.30 -7.82
N SER G 69 -20.78 12.45 -6.58
CA SER G 69 -19.41 12.85 -6.31
C SER G 69 -18.89 12.06 -5.11
N PHE G 70 -17.62 11.69 -5.20
CA PHE G 70 -16.93 10.97 -4.14
C PHE G 70 -17.70 9.73 -3.66
N PRO G 71 -18.01 8.79 -4.55
CA PRO G 71 -18.67 7.55 -4.13
C PRO G 71 -17.65 6.55 -3.59
N ASP G 72 -18.15 5.61 -2.79
CA ASP G 72 -17.32 4.47 -2.39
C ASP G 72 -17.14 3.48 -3.54
N VAL G 73 -18.15 3.34 -4.41
CA VAL G 73 -18.09 2.38 -5.51
C VAL G 73 -18.92 2.92 -6.67
N LYS G 74 -18.45 2.64 -7.89
CA LYS G 74 -19.17 2.96 -9.11
C LYS G 74 -19.74 1.69 -9.73
N LEU G 75 -21.05 1.70 -9.98
CA LEU G 75 -21.77 0.56 -10.56
C LEU G 75 -22.29 0.94 -11.95
N GLN G 76 -22.27 -0.02 -12.87
CA GLN G 76 -22.84 0.16 -14.20
C GLN G 76 -23.96 -0.85 -14.42
N LYS G 77 -25.17 -0.34 -14.68
CA LYS G 77 -26.29 -1.20 -15.05
C LYS G 77 -26.03 -1.81 -16.42
N VAL G 78 -26.18 -3.14 -16.51
CA VAL G 78 -25.95 -3.88 -17.75
C VAL G 78 -27.03 -4.94 -17.94
N THR G 79 -27.16 -5.38 -19.19
CA THR G 79 -28.11 -6.44 -19.53
C THR G 79 -27.46 -7.82 -19.57
N SER G 80 -26.18 -7.90 -19.92
CA SER G 80 -25.40 -9.13 -19.91
C SER G 80 -24.03 -8.83 -19.32
N PHE G 81 -23.25 -9.88 -19.07
CA PHE G 81 -21.90 -9.71 -18.49
C PHE G 81 -21.97 -8.94 -17.18
N GLY G 82 -22.71 -9.48 -16.20
CA GLY G 82 -22.86 -8.82 -14.92
C GLY G 82 -22.08 -9.52 -13.82
N ASP G 83 -21.43 -8.72 -12.96
CA ASP G 83 -20.69 -9.28 -11.84
C ASP G 83 -21.62 -9.84 -10.77
N PHE G 84 -22.74 -9.17 -10.52
CA PHE G 84 -23.70 -9.65 -9.54
C PHE G 84 -25.06 -9.08 -9.88
N GLU G 85 -26.09 -9.62 -9.24
CA GLU G 85 -27.46 -9.17 -9.39
C GLU G 85 -27.88 -8.37 -8.17
N ALA G 86 -28.75 -7.39 -8.38
CA ALA G 86 -29.20 -6.51 -7.31
C ALA G 86 -30.68 -6.18 -7.48
N TYR G 87 -31.42 -6.30 -6.38
CA TYR G 87 -32.77 -5.77 -6.30
C TYR G 87 -32.72 -4.44 -5.56
N ILE G 88 -33.19 -3.38 -6.20
CA ILE G 88 -33.15 -2.05 -5.61
C ILE G 88 -34.48 -1.82 -4.89
N ASP G 89 -34.39 -1.45 -3.62
CA ASP G 89 -35.56 -1.11 -2.83
C ASP G 89 -35.35 0.28 -2.26
N GLY H 11 -41.45 -5.69 -15.69
CA GLY H 11 -41.77 -4.36 -15.17
C GLY H 11 -40.78 -3.89 -14.13
N TYR H 12 -40.12 -2.77 -14.42
CA TYR H 12 -39.16 -2.17 -13.50
C TYR H 12 -39.84 -1.91 -12.16
N GLY H 13 -39.04 -1.77 -11.11
CA GLY H 13 -39.59 -1.54 -9.79
C GLY H 13 -39.39 -0.11 -9.34
N LYS H 14 -39.82 0.15 -8.11
CA LYS H 14 -39.80 1.52 -7.59
C LYS H 14 -38.39 2.09 -7.53
N GLY H 15 -37.42 1.29 -7.09
CA GLY H 15 -36.08 1.78 -6.87
C GLY H 15 -35.28 2.04 -8.13
N TYR H 16 -35.80 1.63 -9.29
CA TYR H 16 -35.06 1.75 -10.55
C TYR H 16 -34.64 3.20 -10.79
N LEU H 17 -35.57 4.14 -10.67
CA LEU H 17 -35.29 5.55 -10.94
C LEU H 17 -34.20 6.11 -10.05
N ALA H 18 -33.95 5.50 -8.89
CA ALA H 18 -32.86 5.96 -8.03
C ALA H 18 -31.52 5.90 -8.73
N MET H 19 -31.37 5.05 -9.76
CA MET H 19 -30.09 5.01 -10.46
C MET H 19 -29.83 6.27 -11.26
N PHE H 20 -30.84 7.12 -11.47
CA PHE H 20 -30.71 8.28 -12.34
C PHE H 20 -30.67 9.59 -11.58
N LYS H 21 -30.27 9.57 -10.32
CA LYS H 21 -30.16 10.81 -9.55
C LYS H 21 -29.23 11.79 -10.23
N ASN H 22 -29.72 13.03 -10.42
CA ASN H 22 -29.00 14.11 -11.09
C ASN H 22 -28.73 13.78 -12.55
N LYS H 23 -29.57 12.93 -13.12
CA LYS H 23 -29.55 12.61 -14.55
C LYS H 23 -30.91 12.98 -15.17
N LYS H 24 -31.06 12.72 -16.47
CA LYS H 24 -32.33 12.96 -17.14
C LYS H 24 -32.70 11.71 -17.95
N VAL H 25 -33.97 11.34 -17.88
CA VAL H 25 -34.50 10.16 -18.54
C VAL H 25 -35.57 10.63 -19.52
N ARG H 26 -35.89 9.76 -20.47
CA ARG H 26 -36.96 10.02 -21.40
C ARG H 26 -38.10 9.08 -21.05
N PHE H 27 -39.30 9.65 -20.80
CA PHE H 27 -40.50 8.89 -20.51
C PHE H 27 -41.35 8.74 -21.76
N LYS H 28 -41.58 7.50 -22.19
CA LYS H 28 -42.47 7.17 -23.29
C LYS H 28 -43.83 6.83 -22.72
N VAL H 29 -44.82 7.66 -23.03
CA VAL H 29 -46.14 7.38 -22.50
C VAL H 29 -46.75 6.23 -23.29
N VAL H 30 -47.22 5.21 -22.58
CA VAL H 30 -47.87 4.06 -23.18
C VAL H 30 -49.14 3.77 -22.41
N ASN H 31 -50.02 2.95 -23.01
CA ASN H 31 -51.26 2.54 -22.37
C ASN H 31 -51.29 1.05 -22.06
N SER H 32 -50.38 0.26 -22.64
CA SER H 32 -50.20 -1.14 -22.34
C SER H 32 -48.71 -1.42 -22.12
N PHE H 33 -48.42 -2.60 -21.57
CA PHE H 33 -47.09 -3.13 -21.29
C PHE H 33 -46.10 -2.04 -20.90
N PRO H 34 -46.25 -1.39 -19.74
CA PRO H 34 -45.30 -0.34 -19.33
C PRO H 34 -44.17 -0.87 -18.45
N ASP H 35 -43.01 -0.21 -18.46
CA ASP H 35 -41.98 -0.50 -17.47
C ASP H 35 -42.41 -0.06 -16.08
N LEU H 36 -43.15 1.05 -15.99
CA LEU H 36 -43.62 1.59 -14.72
C LEU H 36 -45.03 2.13 -14.87
N LYS H 37 -45.89 1.78 -13.91
CA LYS H 37 -47.16 2.46 -13.70
C LYS H 37 -46.89 3.66 -12.81
N VAL H 38 -47.16 4.86 -13.31
CA VAL H 38 -46.76 6.10 -12.65
C VAL H 38 -48.00 6.90 -12.26
N GLN H 39 -48.05 7.33 -11.01
CA GLN H 39 -49.03 8.29 -10.53
C GLN H 39 -48.31 9.59 -10.19
N PHE H 40 -48.83 10.70 -10.70
CA PHE H 40 -48.26 12.01 -10.39
C PHE H 40 -48.94 12.58 -9.16
N VAL H 41 -48.12 13.01 -8.20
CA VAL H 41 -48.58 13.40 -6.86
C VAL H 41 -47.96 14.76 -6.55
N THR H 42 -48.58 15.46 -5.59
CA THR H 42 -48.08 16.76 -5.13
C THR H 42 -47.53 16.72 -3.71
N SER H 43 -47.63 15.58 -3.04
CA SER H 43 -47.13 15.42 -1.68
C SER H 43 -46.63 14.00 -1.51
N PHE H 44 -45.64 13.83 -0.64
CA PHE H 44 -45.07 12.53 -0.34
C PHE H 44 -44.74 11.75 -1.62
N PRO H 45 -43.80 12.23 -2.43
CA PRO H 45 -43.43 11.49 -3.63
C PRO H 45 -42.38 10.43 -3.33
N ASP H 46 -42.25 9.48 -4.26
CA ASP H 46 -41.12 8.56 -4.22
C ASP H 46 -39.88 9.20 -4.81
N TYR H 47 -40.08 10.04 -5.82
CA TYR H 47 -39.02 10.85 -6.42
C TYR H 47 -39.64 12.17 -6.83
N LYS H 48 -38.83 13.22 -6.79
CA LYS H 48 -39.21 14.49 -7.38
C LYS H 48 -38.59 14.56 -8.76
N VAL H 49 -39.40 14.93 -9.75
CA VAL H 49 -38.96 14.96 -11.14
C VAL H 49 -39.19 16.36 -11.69
N LYS H 50 -38.17 16.90 -12.34
CA LYS H 50 -38.27 18.14 -13.09
C LYS H 50 -38.53 17.80 -14.54
N ILE H 51 -39.60 18.34 -15.11
CA ILE H 51 -39.89 18.06 -16.51
C ILE H 51 -39.10 19.04 -17.34
N SER H 52 -38.45 18.54 -18.37
CA SER H 52 -37.59 19.35 -19.23
C SER H 52 -38.20 19.45 -20.61
N ASN H 53 -37.86 20.53 -21.31
CA ASN H 53 -38.33 20.72 -22.67
C ASN H 53 -37.34 20.19 -23.68
N SER H 54 -36.23 19.62 -23.22
CA SER H 54 -35.18 19.12 -24.10
C SER H 54 -35.06 17.62 -24.01
N SER H 55 -34.93 16.97 -25.16
CA SER H 55 -34.69 15.54 -25.24
C SER H 55 -33.21 15.19 -25.24
N SER H 56 -32.34 16.19 -25.23
CA SER H 56 -30.90 15.93 -25.25
C SER H 56 -30.44 15.47 -23.88
N PHE H 57 -29.37 14.69 -23.86
CA PHE H 57 -28.71 14.24 -22.62
C PHE H 57 -29.56 13.28 -21.82
N CYS H 58 -30.52 12.62 -22.45
CA CYS H 58 -31.37 11.64 -21.76
C CYS H 58 -30.60 10.33 -21.61
N GLU H 59 -30.51 9.82 -20.39
CA GLU H 59 -29.72 8.62 -20.12
C GLU H 59 -30.37 7.37 -20.69
N GLU H 60 -31.70 7.32 -20.75
CA GLU H 60 -32.42 6.09 -21.05
C GLU H 60 -33.87 6.45 -21.32
N THR H 61 -34.58 5.56 -22.03
CA THR H 61 -36.01 5.73 -22.25
C THR H 61 -36.77 4.63 -21.49
N ILE H 62 -37.72 5.05 -20.65
CA ILE H 62 -38.54 4.17 -19.84
C ILE H 62 -39.99 4.33 -20.26
N LYS H 63 -40.67 3.21 -20.52
CA LYS H 63 -42.07 3.25 -20.89
C LYS H 63 -42.91 3.32 -19.62
N ILE H 64 -43.68 4.41 -19.47
CA ILE H 64 -44.50 4.65 -18.30
C ILE H 64 -45.95 4.70 -18.70
N GLN H 65 -46.80 4.26 -17.77
CA GLN H 65 -48.25 4.35 -17.87
C GLN H 65 -48.74 5.21 -16.73
N VAL H 66 -49.41 6.32 -17.06
CA VAL H 66 -49.91 7.20 -16.02
C VAL H 66 -51.18 6.58 -15.43
N VAL H 67 -51.18 6.39 -14.12
CA VAL H 67 -52.29 5.77 -13.42
C VAL H 67 -52.65 6.66 -12.24
N THR H 68 -53.82 6.39 -11.67
CA THR H 68 -54.28 7.07 -10.48
C THR H 68 -54.44 6.16 -9.28
N SER H 69 -54.26 4.85 -9.45
CA SER H 69 -54.35 3.88 -8.37
C SER H 69 -53.30 2.80 -8.59
N PHE H 70 -52.77 2.29 -7.49
CA PHE H 70 -51.80 1.20 -7.51
C PHE H 70 -50.60 1.50 -8.41
N PRO H 71 -49.88 2.59 -8.17
CA PRO H 71 -48.70 2.87 -9.00
C PRO H 71 -47.50 2.04 -8.56
N ASP H 72 -46.55 1.89 -9.50
CA ASP H 72 -45.24 1.36 -9.12
C ASP H 72 -44.45 2.42 -8.37
N VAL H 73 -44.61 3.68 -8.75
CA VAL H 73 -43.88 4.78 -8.13
C VAL H 73 -44.76 6.04 -8.24
N LYS H 74 -44.67 6.89 -7.23
CA LYS H 74 -45.35 8.18 -7.23
C LYS H 74 -44.33 9.27 -7.50
N LEU H 75 -44.56 10.07 -8.53
CA LEU H 75 -43.67 11.16 -8.89
C LEU H 75 -44.36 12.51 -8.66
N GLN H 76 -43.58 13.48 -8.22
CA GLN H 76 -44.05 14.86 -8.06
C GLN H 76 -43.27 15.77 -8.99
N LYS H 77 -43.98 16.40 -9.91
CA LYS H 77 -43.37 17.38 -10.80
C LYS H 77 -42.95 18.60 -9.99
N VAL H 78 -41.72 19.06 -10.19
CA VAL H 78 -41.18 20.22 -9.50
C VAL H 78 -40.46 21.11 -10.50
N THR H 79 -40.22 22.36 -10.09
CA THR H 79 -39.51 23.32 -10.93
C THR H 79 -38.02 23.44 -10.64
N SER H 80 -37.55 23.11 -9.43
CA SER H 80 -36.12 23.26 -9.14
C SER H 80 -35.47 22.02 -8.52
N PHE H 81 -36.02 21.54 -7.40
CA PHE H 81 -35.47 20.41 -6.64
C PHE H 81 -35.89 19.08 -7.28
N GLY H 82 -35.15 18.67 -8.31
CA GLY H 82 -35.44 17.43 -9.01
C GLY H 82 -34.41 16.34 -8.72
N ASP H 83 -34.92 15.18 -8.30
CA ASP H 83 -34.03 14.02 -8.14
C ASP H 83 -33.48 13.59 -9.48
N PHE H 84 -34.28 13.73 -10.53
CA PHE H 84 -33.85 13.48 -11.88
C PHE H 84 -34.77 14.31 -12.76
N GLU H 85 -34.38 14.47 -14.01
CA GLU H 85 -35.15 15.21 -14.98
C GLU H 85 -35.80 14.21 -15.94
N ALA H 86 -36.92 14.60 -16.53
CA ALA H 86 -37.62 13.73 -17.46
C ALA H 86 -38.14 14.55 -18.63
N TYR H 87 -37.87 14.05 -19.83
CA TYR H 87 -38.48 14.55 -21.05
C TYR H 87 -39.60 13.60 -21.46
N ILE H 88 -40.81 14.10 -21.59
CA ILE H 88 -41.97 13.28 -21.89
C ILE H 88 -42.28 13.28 -23.39
N ASP H 89 -42.50 12.09 -23.94
CA ASP H 89 -42.99 11.95 -25.31
C ASP H 89 -44.31 11.14 -25.31
#